data_5W7X
#
_entry.id   5W7X
#
_cell.length_a   59.119
_cell.length_b   36.799
_cell.length_c   98.284
_cell.angle_alpha   90.00
_cell.angle_beta   90.86
_cell.angle_gamma   90.00
#
_symmetry.space_group_name_H-M   'P 1 21 1'
#
loop_
_entity.id
_entity.type
_entity.pdbx_description
1 polymer 'Aprataxin and PNK-like factor'
2 polymer 'DNA repair protein XRCC1'
3 water water
#
loop_
_entity_poly.entity_id
_entity_poly.type
_entity_poly.pdbx_seq_one_letter_code
_entity_poly.pdbx_strand_id
1 'polypeptide(L)'
;SFTMSGGFELQPRDGGPRVALAPGETVIGRGPLLGITDKRVSRRHAILEVAGGQLRIKPIHTNPCFYQSSEKSQLLPLKP
NLWCYLNPGDSFSLLVDKYIFRILSIPS
;
D,A,B,C
2 'polypeptide(L)' PYAG(SEP)(TPO)DEN H,E,F,G
#
# COMPACT_ATOMS: atom_id res chain seq x y z
N GLY A 6 -3.05 -18.62 -14.02
CA GLY A 6 -3.89 -18.03 -15.05
C GLY A 6 -3.40 -16.67 -15.51
N GLY A 7 -3.33 -16.48 -16.82
CA GLY A 7 -2.90 -15.24 -17.42
C GLY A 7 -4.04 -14.50 -18.09
N PHE A 8 -3.69 -13.33 -18.64
CA PHE A 8 -4.69 -12.45 -19.22
C PHE A 8 -4.11 -11.73 -20.44
N GLU A 9 -5.00 -11.42 -21.39
CA GLU A 9 -4.69 -10.55 -22.51
C GLU A 9 -5.73 -9.44 -22.56
N LEU A 10 -5.34 -8.33 -23.17
CA LEU A 10 -6.27 -7.23 -23.44
C LEU A 10 -6.64 -7.24 -24.91
N GLN A 11 -7.94 -7.13 -25.19
CA GLN A 11 -8.43 -7.06 -26.56
C GLN A 11 -9.04 -5.69 -26.78
N PRO A 12 -8.40 -4.80 -27.57
CA PRO A 12 -9.03 -3.51 -27.86
C PRO A 12 -10.42 -3.71 -28.46
N ARG A 13 -11.37 -2.88 -28.03
CA ARG A 13 -12.73 -3.00 -28.52
C ARG A 13 -12.83 -2.81 -30.02
N ASP A 14 -11.88 -2.11 -30.63
CA ASP A 14 -11.91 -1.86 -32.07
C ASP A 14 -11.46 -3.05 -32.90
N GLY A 15 -10.92 -4.10 -32.27
CA GLY A 15 -10.51 -5.30 -32.97
C GLY A 15 -9.03 -5.42 -33.24
N GLY A 16 -8.22 -4.46 -32.79
CA GLY A 16 -6.81 -4.49 -33.03
C GLY A 16 -6.08 -5.62 -32.34
N PRO A 17 -4.75 -5.61 -32.40
CA PRO A 17 -3.97 -6.72 -31.84
C PRO A 17 -4.14 -6.85 -30.33
N ARG A 18 -3.99 -8.09 -29.86
CA ARG A 18 -4.05 -8.39 -28.43
C ARG A 18 -2.80 -7.88 -27.72
N VAL A 19 -2.96 -7.52 -26.45
CA VAL A 19 -1.86 -7.06 -25.61
C VAL A 19 -1.64 -8.09 -24.51
N ALA A 20 -0.45 -8.67 -24.48
CA ALA A 20 -0.09 -9.63 -23.45
C ALA A 20 0.32 -8.92 -22.17
N LEU A 21 -0.13 -9.45 -21.03
CA LEU A 21 0.21 -8.91 -19.72
C LEU A 21 1.10 -9.89 -18.97
N ALA A 22 2.21 -9.39 -18.43
CA ALA A 22 3.11 -10.20 -17.65
C ALA A 22 2.64 -10.27 -16.19
N PRO A 23 3.07 -11.28 -15.45
CA PRO A 23 2.74 -11.33 -14.02
C PRO A 23 3.31 -10.13 -13.30
N GLY A 24 2.64 -9.73 -12.23
CA GLY A 24 3.05 -8.58 -11.46
C GLY A 24 2.35 -7.31 -11.88
N GLU A 25 3.01 -6.19 -11.57
CA GLU A 25 2.47 -4.87 -11.82
C GLU A 25 2.99 -4.31 -13.15
N THR A 26 2.09 -3.69 -13.90
CA THR A 26 2.42 -3.03 -15.16
C THR A 26 1.76 -1.67 -15.18
N VAL A 27 2.56 -0.63 -15.36
CA VAL A 27 2.02 0.73 -15.50
C VAL A 27 1.54 0.90 -16.94
N ILE A 28 0.31 1.39 -17.09
CA ILE A 28 -0.30 1.51 -18.42
C ILE A 28 -0.72 2.96 -18.63
N GLY A 29 -1.01 3.26 -19.90
CA GLY A 29 -1.35 4.60 -20.32
C GLY A 29 -0.67 4.96 -21.62
N ARG A 30 -0.32 6.23 -21.78
CA ARG A 30 0.41 6.66 -22.96
C ARG A 30 1.78 6.00 -23.00
N GLY A 31 2.00 5.11 -23.97
CA GLY A 31 3.24 4.39 -24.05
C GLY A 31 3.22 3.28 -25.09
N PRO A 32 4.36 2.59 -25.26
CA PRO A 32 4.45 1.57 -26.31
C PRO A 32 3.61 0.33 -26.03
N LEU A 33 3.39 -0.04 -24.77
CA LEU A 33 2.67 -1.27 -24.47
C LEU A 33 1.30 -1.27 -25.14
N LEU A 34 0.51 -0.22 -24.91
CA LEU A 34 -0.79 -0.09 -25.54
C LEU A 34 -0.76 0.71 -26.83
N GLY A 35 0.34 1.40 -27.12
CA GLY A 35 0.45 2.20 -28.32
C GLY A 35 -0.28 3.52 -28.29
N ILE A 36 -0.73 3.95 -27.10
CA ILE A 36 -1.53 5.17 -26.97
C ILE A 36 -0.61 6.38 -27.07
N THR A 37 -0.91 7.28 -28.01
CA THR A 37 -0.20 8.55 -28.13
C THR A 37 -1.01 9.75 -27.71
N ASP A 38 -2.29 9.57 -27.39
CA ASP A 38 -3.17 10.69 -27.09
C ASP A 38 -2.73 11.38 -25.81
N LYS A 39 -2.44 12.69 -25.91
CA LYS A 39 -1.88 13.43 -24.78
C LYS A 39 -2.86 13.51 -23.61
N ARG A 40 -4.15 13.27 -23.85
CA ARG A 40 -5.10 13.27 -22.74
C ARG A 40 -4.90 12.07 -21.82
N VAL A 41 -4.17 11.06 -22.27
CA VAL A 41 -3.86 9.87 -21.46
C VAL A 41 -2.50 10.08 -20.83
N SER A 42 -2.43 9.86 -19.51
CA SER A 42 -1.17 9.97 -18.79
C SER A 42 -0.24 8.81 -19.15
N ARG A 43 1.07 9.10 -19.15
CA ARG A 43 2.05 8.04 -19.26
C ARG A 43 2.03 7.13 -18.04
N ARG A 44 1.55 7.64 -16.91
CA ARG A 44 1.34 6.87 -15.68
C ARG A 44 -0.13 6.99 -15.31
N HIS A 45 -0.98 6.35 -16.12
CA HIS A 45 -2.43 6.50 -15.99
C HIS A 45 -3.03 5.53 -14.98
N ALA A 46 -2.59 4.27 -15.00
CA ALA A 46 -3.16 3.25 -14.13
C ALA A 46 -2.15 2.13 -13.96
N ILE A 47 -2.38 1.31 -12.94
CA ILE A 47 -1.59 0.11 -12.67
C ILE A 47 -2.46 -1.10 -12.94
N LEU A 48 -1.91 -2.08 -13.66
CA LEU A 48 -2.52 -3.39 -13.80
C LEU A 48 -1.66 -4.39 -13.03
N GLU A 49 -2.30 -5.26 -12.25
CA GLU A 49 -1.61 -6.29 -11.50
C GLU A 49 -2.19 -7.65 -11.85
N VAL A 50 -1.32 -8.55 -12.31
CA VAL A 50 -1.66 -9.95 -12.54
C VAL A 50 -1.04 -10.76 -11.41
N ALA A 51 -1.88 -11.44 -10.64
CA ALA A 51 -1.39 -12.21 -9.50
C ALA A 51 -2.46 -13.22 -9.10
N GLY A 52 -2.01 -14.45 -8.81
CA GLY A 52 -2.92 -15.48 -8.31
C GLY A 52 -4.12 -15.74 -9.19
N GLY A 53 -3.93 -15.70 -10.51
CA GLY A 53 -5.03 -15.96 -11.42
C GLY A 53 -6.05 -14.85 -11.54
N GLN A 54 -5.71 -13.64 -11.11
CA GLN A 54 -6.63 -12.51 -11.15
C GLN A 54 -5.95 -11.28 -11.72
N LEU A 55 -6.77 -10.35 -12.19
CA LEU A 55 -6.32 -9.07 -12.71
C LEU A 55 -7.10 -7.96 -12.01
N ARG A 56 -6.39 -6.96 -11.50
CA ARG A 56 -7.02 -5.77 -10.94
C ARG A 56 -6.32 -4.53 -11.47
N ILE A 57 -7.06 -3.43 -11.48
CA ILE A 57 -6.57 -2.15 -11.97
C ILE A 57 -6.73 -1.10 -10.89
N LYS A 58 -5.75 -0.21 -10.79
CA LYS A 58 -5.83 0.94 -9.89
C LYS A 58 -5.54 2.20 -10.69
N PRO A 59 -6.48 3.14 -10.81
CA PRO A 59 -6.15 4.43 -11.43
C PRO A 59 -5.22 5.23 -10.52
N ILE A 60 -4.21 5.85 -11.12
CA ILE A 60 -3.22 6.60 -10.34
C ILE A 60 -3.02 8.00 -10.91
N HIS A 61 -4.00 8.48 -11.68
CA HIS A 61 -3.94 9.80 -12.28
C HIS A 61 -5.26 10.51 -12.03
N THR A 62 -5.23 11.84 -12.14
CA THR A 62 -6.46 12.61 -11.99
C THR A 62 -7.41 12.38 -13.16
N ASN A 63 -6.88 12.31 -14.38
CA ASN A 63 -7.68 11.85 -15.50
C ASN A 63 -8.12 10.41 -15.23
N PRO A 64 -9.41 10.10 -15.32
CA PRO A 64 -9.92 8.87 -14.74
C PRO A 64 -9.79 7.67 -15.66
N CYS A 65 -10.04 6.50 -15.08
CA CYS A 65 -10.27 5.26 -15.80
C CYS A 65 -11.74 4.90 -15.67
N PHE A 66 -12.18 3.96 -16.51
CA PHE A 66 -13.59 3.57 -16.54
C PHE A 66 -13.70 2.06 -16.62
N TYR A 67 -14.79 1.54 -16.08
CA TYR A 67 -15.00 0.11 -15.91
C TYR A 67 -16.40 -0.28 -16.37
N GLN A 68 -16.48 -1.36 -17.13
CA GLN A 68 -17.75 -1.90 -17.61
C GLN A 68 -17.80 -3.39 -17.33
N SER A 69 -18.62 -3.79 -16.36
CA SER A 69 -18.80 -5.20 -16.07
C SER A 69 -19.35 -5.92 -17.29
N SER A 70 -19.12 -7.23 -17.33
CA SER A 70 -19.57 -8.02 -18.48
C SER A 70 -21.08 -8.05 -18.60
N GLU A 71 -21.81 -7.90 -17.49
CA GLU A 71 -23.26 -7.95 -17.53
C GLU A 71 -23.91 -6.61 -17.84
N LYS A 72 -23.21 -5.51 -17.60
CA LYS A 72 -23.75 -4.18 -17.82
C LYS A 72 -23.33 -3.68 -19.21
N SER A 73 -23.66 -2.42 -19.52
CA SER A 73 -23.38 -1.84 -20.84
C SER A 73 -22.98 -0.37 -20.72
N GLN A 74 -22.34 -0.01 -19.61
CA GLN A 74 -21.98 1.38 -19.35
C GLN A 74 -20.58 1.44 -18.76
N LEU A 75 -19.72 2.25 -19.37
CA LEU A 75 -18.40 2.52 -18.82
C LEU A 75 -18.56 3.50 -17.65
N LEU A 76 -18.38 2.98 -16.42
CA LEU A 76 -18.54 3.79 -15.21
C LEU A 76 -17.17 4.24 -14.70
N PRO A 77 -17.07 5.45 -14.15
CA PRO A 77 -15.77 5.91 -13.68
C PRO A 77 -15.32 5.19 -12.42
N LEU A 78 -14.04 4.85 -12.37
CA LEU A 78 -13.46 4.20 -11.21
C LEU A 78 -12.97 5.23 -10.20
N LYS A 79 -13.09 4.89 -8.92
CA LYS A 79 -12.62 5.79 -7.88
C LYS A 79 -11.09 5.85 -7.91
N PRO A 80 -10.50 7.02 -7.64
CA PRO A 80 -9.03 7.14 -7.73
C PRO A 80 -8.34 6.31 -6.66
N ASN A 81 -7.18 5.75 -7.04
CA ASN A 81 -6.24 5.12 -6.11
C ASN A 81 -6.82 3.90 -5.41
N LEU A 82 -7.90 3.33 -5.92
CA LEU A 82 -8.48 2.10 -5.37
C LEU A 82 -8.42 0.99 -6.39
N TRP A 83 -8.20 -0.23 -5.90
CA TRP A 83 -8.15 -1.41 -6.77
C TRP A 83 -9.55 -1.85 -7.17
N CYS A 84 -9.67 -2.32 -8.41
CA CYS A 84 -10.90 -2.92 -8.92
C CYS A 84 -10.54 -4.15 -9.72
N TYR A 85 -11.16 -5.28 -9.41
CA TYR A 85 -10.86 -6.52 -10.12
C TYR A 85 -11.55 -6.53 -11.48
N LEU A 86 -10.85 -7.05 -12.47
CA LEU A 86 -11.36 -7.14 -13.84
C LEU A 86 -11.51 -8.62 -14.19
N ASN A 87 -12.74 -9.06 -14.34
CA ASN A 87 -13.01 -10.45 -14.68
C ASN A 87 -12.96 -10.63 -16.19
N PRO A 88 -12.69 -11.85 -16.66
CA PRO A 88 -12.76 -12.11 -18.10
C PRO A 88 -14.11 -11.71 -18.66
N GLY A 89 -14.08 -10.92 -19.74
CA GLY A 89 -15.27 -10.35 -20.33
C GLY A 89 -15.55 -8.93 -19.94
N ASP A 90 -15.03 -8.47 -18.79
CA ASP A 90 -15.15 -7.08 -18.41
C ASP A 90 -14.34 -6.20 -19.36
N SER A 91 -14.63 -4.90 -19.31
CA SER A 91 -13.88 -3.92 -20.09
C SER A 91 -13.46 -2.76 -19.18
N PHE A 92 -12.36 -2.13 -19.56
CA PHE A 92 -11.96 -0.86 -18.96
C PHE A 92 -11.48 0.06 -20.07
N SER A 93 -11.45 1.35 -19.78
CA SER A 93 -11.02 2.34 -20.75
C SER A 93 -10.23 3.44 -20.05
N LEU A 94 -9.35 4.08 -20.82
CA LEU A 94 -8.56 5.19 -20.31
C LEU A 94 -9.12 6.55 -20.73
N LEU A 95 -10.09 6.56 -21.65
CA LEU A 95 -10.94 7.72 -21.90
C LEU A 95 -12.39 7.24 -21.90
N VAL A 96 -13.29 8.23 -21.80
CA VAL A 96 -14.72 7.93 -21.66
C VAL A 96 -15.23 7.15 -22.88
N ASP A 97 -14.66 7.38 -24.07
CA ASP A 97 -15.18 6.84 -25.33
C ASP A 97 -14.08 6.34 -26.23
N LYS A 98 -12.91 6.02 -25.69
CA LYS A 98 -11.77 5.64 -26.52
C LYS A 98 -10.78 4.87 -25.66
N TYR A 99 -9.94 4.08 -26.34
CA TYR A 99 -8.95 3.24 -25.69
C TYR A 99 -9.62 2.32 -24.67
N ILE A 100 -10.55 1.52 -25.20
CA ILE A 100 -11.32 0.56 -24.42
C ILE A 100 -10.72 -0.82 -24.67
N PHE A 101 -10.65 -1.63 -23.61
CA PHE A 101 -10.00 -2.93 -23.68
C PHE A 101 -10.85 -3.97 -22.96
N ARG A 102 -11.06 -5.12 -23.61
CA ARG A 102 -11.78 -6.23 -23.00
C ARG A 102 -10.77 -7.24 -22.46
N ILE A 103 -11.11 -7.82 -21.31
CA ILE A 103 -10.23 -8.75 -20.62
C ILE A 103 -10.48 -10.17 -21.14
N LEU A 104 -9.41 -10.87 -21.48
CA LEU A 104 -9.47 -12.24 -21.93
C LEU A 104 -8.57 -13.11 -21.05
N SER A 105 -9.01 -14.32 -20.77
CA SER A 105 -8.26 -15.25 -19.94
C SER A 105 -7.44 -16.20 -20.81
N ILE A 106 -6.26 -16.57 -20.32
CA ILE A 106 -5.43 -17.60 -20.94
C ILE A 106 -5.34 -18.79 -19.99
N PRO A 107 -5.37 -20.03 -20.49
CA PRO A 107 -5.04 -21.16 -19.62
C PRO A 107 -3.66 -21.04 -18.97
N GLY B 6 -10.57 4.05 5.43
CA GLY B 6 -9.88 3.92 6.71
C GLY B 6 -9.86 2.49 7.23
N GLY B 7 -10.57 2.26 8.34
CA GLY B 7 -10.62 0.96 8.97
C GLY B 7 -11.95 0.27 8.74
N PHE B 8 -12.02 -0.97 9.22
CA PHE B 8 -13.19 -1.83 9.03
C PHE B 8 -13.48 -2.61 10.30
N GLU B 9 -14.74 -2.99 10.47
CA GLU B 9 -15.14 -3.90 11.53
C GLU B 9 -16.34 -4.71 11.05
N LEU B 10 -16.52 -5.87 11.65
CA LEU B 10 -17.58 -6.80 11.27
C LEU B 10 -18.71 -6.74 12.28
N GLN B 11 -19.93 -6.66 11.78
N GLN B 11 -19.94 -6.63 11.79
CA GLN B 11 -21.14 -6.62 12.60
CA GLN B 11 -21.12 -6.63 12.64
C GLN B 11 -21.92 -7.92 12.42
C GLN B 11 -21.90 -7.92 12.41
N PRO B 12 -21.89 -8.85 13.37
CA PRO B 12 -22.67 -10.08 13.20
C PRO B 12 -24.15 -9.76 13.05
N ARG B 13 -24.82 -10.50 12.17
CA ARG B 13 -26.24 -10.28 11.92
C ARG B 13 -27.09 -10.71 13.11
N ASP B 14 -26.57 -11.55 14.00
CA ASP B 14 -27.31 -11.98 15.18
C ASP B 14 -27.23 -10.96 16.31
N GLY B 15 -26.57 -9.82 16.10
CA GLY B 15 -26.51 -8.78 17.10
C GLY B 15 -25.39 -8.89 18.11
N GLY B 16 -24.45 -9.82 17.90
CA GLY B 16 -23.38 -10.01 18.84
C GLY B 16 -22.37 -8.86 18.79
N PRO B 17 -21.31 -8.99 19.59
CA PRO B 17 -20.27 -7.96 19.59
C PRO B 17 -19.63 -7.77 18.23
N ARG B 18 -19.22 -6.55 17.95
CA ARG B 18 -18.52 -6.26 16.70
C ARG B 18 -17.08 -6.76 16.78
N VAL B 19 -16.52 -7.05 15.62
CA VAL B 19 -15.16 -7.57 15.50
C VAL B 19 -14.34 -6.58 14.71
N ALA B 20 -13.31 -6.02 15.34
CA ALA B 20 -12.42 -5.07 14.67
C ALA B 20 -11.37 -5.82 13.87
N LEU B 21 -11.00 -5.24 12.73
CA LEU B 21 -10.00 -5.80 11.85
C LEU B 21 -8.76 -4.93 11.85
N ALA B 22 -7.60 -5.55 12.03
CA ALA B 22 -6.33 -4.85 12.01
C ALA B 22 -5.78 -4.81 10.58
N PRO B 23 -4.77 -3.97 10.33
CA PRO B 23 -4.19 -3.94 8.99
C PRO B 23 -3.55 -5.27 8.64
N GLY B 24 -3.51 -5.56 7.35
CA GLY B 24 -2.93 -6.81 6.89
C GLY B 24 -3.94 -7.94 6.79
N GLU B 25 -3.47 -9.17 6.90
CA GLU B 25 -4.29 -10.35 6.69
C GLU B 25 -4.77 -10.93 8.02
N THR B 26 -6.05 -11.29 8.07
CA THR B 26 -6.65 -11.95 9.23
C THR B 26 -7.33 -13.23 8.77
N VAL B 27 -6.91 -14.37 9.32
CA VAL B 27 -7.57 -15.63 9.04
C VAL B 27 -8.81 -15.73 9.91
N ILE B 28 -9.95 -16.04 9.28
CA ILE B 28 -11.22 -16.11 9.97
C ILE B 28 -11.81 -17.51 9.82
N GLY B 29 -12.77 -17.82 10.68
CA GLY B 29 -13.38 -19.12 10.72
C GLY B 29 -13.60 -19.62 12.13
N ARG B 30 -13.37 -20.92 12.35
CA ARG B 30 -13.54 -21.52 13.66
C ARG B 30 -12.40 -21.08 14.57
N GLY B 31 -12.71 -20.26 15.57
CA GLY B 31 -11.70 -19.73 16.46
C GLY B 31 -12.24 -18.61 17.33
N PRO B 32 -11.40 -18.10 18.23
CA PRO B 32 -11.88 -17.09 19.19
C PRO B 32 -12.15 -15.72 18.58
N LEU B 33 -11.54 -15.38 17.44
CA LEU B 33 -11.76 -14.05 16.88
C LEU B 33 -13.24 -13.82 16.59
N LEU B 34 -13.89 -14.79 15.94
CA LEU B 34 -15.33 -14.70 15.68
C LEU B 34 -16.17 -15.48 16.68
N GLY B 35 -15.57 -16.40 17.43
CA GLY B 35 -16.30 -17.16 18.42
C GLY B 35 -17.07 -18.34 17.89
N ILE B 36 -16.73 -18.83 16.69
CA ILE B 36 -17.46 -19.91 16.04
C ILE B 36 -16.86 -21.24 16.49
N THR B 37 -17.70 -22.11 17.04
CA THR B 37 -17.30 -23.45 17.42
C THR B 37 -17.87 -24.52 16.48
N ASP B 38 -18.69 -24.12 15.51
CA ASP B 38 -19.32 -25.07 14.59
C ASP B 38 -18.27 -25.71 13.69
N LYS B 39 -18.17 -27.04 13.76
CA LYS B 39 -17.15 -27.76 13.00
C LYS B 39 -17.47 -27.86 11.52
N ARG B 40 -18.62 -27.35 11.07
CA ARG B 40 -18.84 -27.17 9.64
C ARG B 40 -17.99 -26.02 9.11
N VAL B 41 -17.47 -25.17 9.99
CA VAL B 41 -16.63 -24.05 9.61
C VAL B 41 -15.18 -24.44 9.86
N SER B 42 -14.31 -24.14 8.89
CA SER B 42 -12.90 -24.45 9.02
C SER B 42 -12.21 -23.50 9.98
N ARG B 43 -11.12 -23.98 10.57
CA ARG B 43 -10.23 -23.09 11.32
C ARG B 43 -9.51 -22.12 10.39
N ARG B 44 -9.37 -22.48 9.12
CA ARG B 44 -8.85 -21.60 8.07
C ARG B 44 -9.90 -21.52 6.96
N HIS B 45 -10.99 -20.80 7.23
CA HIS B 45 -12.10 -20.76 6.29
C HIS B 45 -11.89 -19.69 5.22
N ALA B 46 -11.36 -18.54 5.60
CA ALA B 46 -11.15 -17.45 4.66
C ALA B 46 -10.08 -16.52 5.22
N ILE B 47 -9.59 -15.64 4.36
CA ILE B 47 -8.64 -14.59 4.74
C ILE B 47 -9.28 -13.24 4.43
N LEU B 48 -9.20 -12.32 5.38
CA LEU B 48 -9.58 -10.93 5.18
C LEU B 48 -8.30 -10.09 5.15
N GLU B 49 -8.20 -9.19 4.18
CA GLU B 49 -7.07 -8.27 4.09
C GLU B 49 -7.59 -6.84 4.09
N VAL B 50 -7.03 -6.02 4.97
CA VAL B 50 -7.28 -4.58 5.00
C VAL B 50 -6.04 -3.89 4.47
N ALA B 51 -6.21 -3.09 3.43
CA ALA B 51 -5.09 -2.38 2.82
C ALA B 51 -5.62 -1.22 2.00
N GLY B 52 -5.01 -0.06 2.16
CA GLY B 52 -5.36 1.10 1.34
C GLY B 52 -6.84 1.45 1.36
N GLY B 53 -7.46 1.38 2.53
CA GLY B 53 -8.86 1.70 2.63
C GLY B 53 -9.80 0.72 1.97
N GLN B 54 -9.31 -0.48 1.66
CA GLN B 54 -10.14 -1.51 1.02
C GLN B 54 -10.07 -2.80 1.82
N LEU B 55 -11.15 -3.56 1.75
CA LEU B 55 -11.27 -4.86 2.39
C LEU B 55 -11.59 -5.90 1.33
N ARG B 56 -10.79 -6.96 1.26
CA ARG B 56 -11.05 -8.07 0.35
C ARG B 56 -11.02 -9.37 1.13
N ILE B 57 -11.74 -10.37 0.62
CA ILE B 57 -11.85 -11.68 1.26
C ILE B 57 -11.46 -12.74 0.24
N LYS B 58 -10.76 -13.77 0.72
CA LYS B 58 -10.41 -14.93 -0.11
C LYS B 58 -10.87 -16.18 0.62
N PRO B 59 -11.81 -16.94 0.06
CA PRO B 59 -12.10 -18.27 0.62
C PRO B 59 -10.97 -19.24 0.33
N ILE B 60 -10.62 -20.04 1.33
CA ILE B 60 -9.47 -20.92 1.23
C ILE B 60 -9.80 -22.34 1.70
N HIS B 61 -11.08 -22.65 1.81
CA HIS B 61 -11.52 -23.99 2.19
C HIS B 61 -12.57 -24.46 1.20
N THR B 62 -12.62 -25.77 0.98
CA THR B 62 -13.62 -26.34 0.09
C THR B 62 -15.03 -25.92 0.50
N ASN B 63 -15.28 -25.81 1.80
CA ASN B 63 -16.52 -25.23 2.27
C ASN B 63 -16.56 -23.75 1.87
N PRO B 64 -17.61 -23.29 1.20
CA PRO B 64 -17.57 -21.97 0.56
C PRO B 64 -17.93 -20.83 1.50
N CYS B 65 -17.53 -19.63 1.07
CA CYS B 65 -18.01 -18.38 1.63
C CYS B 65 -19.09 -17.81 0.72
N PHE B 66 -20.01 -17.05 1.31
CA PHE B 66 -21.10 -16.45 0.56
C PHE B 66 -21.04 -14.93 0.69
N TYR B 67 -21.51 -14.25 -0.35
CA TYR B 67 -21.37 -12.80 -0.48
C TYR B 67 -22.74 -12.20 -0.76
N GLN B 68 -23.07 -11.14 -0.04
CA GLN B 68 -24.34 -10.42 -0.19
C GLN B 68 -24.01 -8.96 -0.51
N SER B 69 -24.20 -8.56 -1.76
CA SER B 69 -23.95 -7.18 -2.15
C SER B 69 -25.01 -6.27 -1.55
N SER B 70 -24.63 -5.01 -1.31
CA SER B 70 -25.55 -4.03 -0.76
C SER B 70 -26.57 -3.54 -1.78
N GLU B 71 -26.41 -3.89 -3.06
CA GLU B 71 -27.33 -3.47 -4.10
C GLU B 71 -27.98 -4.64 -4.82
N LYS B 72 -27.64 -5.88 -4.49
CA LYS B 72 -28.21 -7.05 -5.13
C LYS B 72 -28.97 -7.88 -4.10
N SER B 73 -30.05 -8.51 -4.58
CA SER B 73 -30.89 -9.32 -3.70
C SER B 73 -30.28 -10.69 -3.44
N GLN B 74 -29.75 -11.33 -4.48
CA GLN B 74 -29.37 -12.73 -4.41
C GLN B 74 -28.04 -12.90 -3.69
N LEU B 75 -28.05 -13.67 -2.60
CA LEU B 75 -26.83 -14.12 -1.95
C LEU B 75 -26.10 -15.11 -2.85
N LEU B 76 -24.76 -15.09 -2.80
CA LEU B 76 -23.97 -15.82 -3.78
C LEU B 76 -22.77 -16.49 -3.13
N PRO B 77 -22.39 -17.69 -3.60
CA PRO B 77 -21.13 -18.30 -3.16
C PRO B 77 -19.95 -17.72 -3.94
N LEU B 78 -18.86 -17.46 -3.21
CA LEU B 78 -17.69 -16.85 -3.80
C LEU B 78 -16.80 -17.89 -4.47
N LYS B 79 -15.99 -17.43 -5.41
CA LYS B 79 -15.04 -18.30 -6.09
C LYS B 79 -13.97 -18.77 -5.12
N PRO B 80 -13.66 -20.07 -5.06
CA PRO B 80 -12.61 -20.53 -4.14
C PRO B 80 -11.26 -19.92 -4.48
N ASN B 81 -10.51 -19.57 -3.43
CA ASN B 81 -9.11 -19.17 -3.54
C ASN B 81 -8.90 -17.94 -4.41
N LEU B 82 -9.93 -17.11 -4.59
CA LEU B 82 -9.80 -15.84 -5.29
C LEU B 82 -10.26 -14.71 -4.39
N TRP B 83 -9.64 -13.54 -4.58
CA TRP B 83 -9.96 -12.36 -3.80
C TRP B 83 -11.24 -11.71 -4.32
N CYS B 84 -12.00 -11.11 -3.39
CA CYS B 84 -13.20 -10.35 -3.72
C CYS B 84 -13.26 -9.16 -2.78
N TYR B 85 -13.42 -7.96 -3.35
CA TYR B 85 -13.49 -6.76 -2.54
C TYR B 85 -14.86 -6.60 -1.91
N LEU B 86 -14.88 -6.24 -0.63
CA LEU B 86 -16.11 -6.05 0.13
C LEU B 86 -16.29 -4.58 0.45
N ASN B 87 -17.45 -4.06 0.12
CA ASN B 87 -17.76 -2.65 0.36
C ASN B 87 -18.52 -2.49 1.68
N PRO B 88 -18.40 -1.34 2.34
CA PRO B 88 -19.24 -1.09 3.51
C PRO B 88 -20.71 -1.26 3.17
N GLY B 89 -21.43 -1.99 4.02
CA GLY B 89 -22.80 -2.34 3.76
C GLY B 89 -22.99 -3.73 3.17
N ASP B 90 -21.96 -4.26 2.51
CA ASP B 90 -22.02 -5.64 2.03
C ASP B 90 -22.02 -6.60 3.22
N SER B 91 -22.35 -7.85 2.92
CA SER B 91 -22.35 -8.90 3.92
C SER B 91 -21.72 -10.15 3.33
N PHE B 92 -21.08 -10.94 4.19
CA PHE B 92 -20.58 -12.26 3.82
C PHE B 92 -20.92 -13.22 4.95
N SER B 93 -20.84 -14.51 4.64
CA SER B 93 -21.18 -15.54 5.62
C SER B 93 -20.31 -16.76 5.39
N LEU B 94 -20.03 -17.47 6.48
CA LEU B 94 -19.25 -18.71 6.41
C LEU B 94 -20.12 -19.94 6.23
N LEU B 95 -21.43 -19.80 6.42
CA LEU B 95 -22.41 -20.79 5.99
C LEU B 95 -23.51 -20.04 5.25
N VAL B 96 -24.34 -20.79 4.52
CA VAL B 96 -25.33 -20.15 3.67
C VAL B 96 -26.31 -19.33 4.48
N ASP B 97 -26.64 -19.78 5.70
CA ASP B 97 -27.67 -19.15 6.51
C ASP B 97 -27.21 -18.94 7.95
N LYS B 98 -25.90 -18.83 8.16
CA LYS B 98 -25.36 -18.76 9.51
C LYS B 98 -24.00 -18.07 9.47
N TYR B 99 -23.65 -17.43 10.58
CA TYR B 99 -22.36 -16.75 10.70
C TYR B 99 -22.22 -15.67 9.62
N ILE B 100 -23.18 -14.76 9.62
CA ILE B 100 -23.27 -13.66 8.67
C ILE B 100 -22.69 -12.42 9.30
N PHE B 101 -21.92 -11.65 8.53
CA PHE B 101 -21.26 -10.45 9.03
C PHE B 101 -21.44 -9.32 8.03
N ARG B 102 -21.85 -8.15 8.53
CA ARG B 102 -21.95 -6.95 7.72
C ARG B 102 -20.67 -6.15 7.84
N ILE B 103 -20.22 -5.59 6.72
CA ILE B 103 -19.00 -4.80 6.69
C ILE B 103 -19.34 -3.35 7.04
N LEU B 104 -18.60 -2.79 7.98
CA LEU B 104 -18.77 -1.39 8.39
C LEU B 104 -17.42 -0.69 8.31
N SER B 105 -17.44 0.55 7.86
CA SER B 105 -16.25 1.38 7.76
C SER B 105 -16.16 2.30 8.97
N ILE B 106 -14.94 2.53 9.43
CA ILE B 106 -14.70 3.33 10.64
C ILE B 106 -13.50 4.25 10.45
CA GLY C 6 16.43 2.08 -21.00
C GLY C 6 15.62 2.71 -19.88
N GLY C 7 15.60 2.03 -18.74
CA GLY C 7 14.87 2.51 -17.57
C GLY C 7 15.81 2.99 -16.48
N PHE C 8 15.25 3.43 -15.35
CA PHE C 8 16.04 4.00 -14.27
C PHE C 8 15.53 3.52 -12.92
N GLU C 9 16.45 3.44 -11.97
CA GLU C 9 16.13 3.08 -10.60
C GLU C 9 16.89 4.01 -9.66
N LEU C 10 16.29 4.29 -8.50
CA LEU C 10 16.93 5.08 -7.45
C LEU C 10 17.46 4.14 -6.38
N GLN C 11 18.74 4.31 -6.01
CA GLN C 11 19.35 3.55 -4.95
C GLN C 11 19.65 4.47 -3.77
N PRO C 12 18.86 4.44 -2.70
CA PRO C 12 19.17 5.30 -1.55
C PRO C 12 20.51 4.96 -0.94
N ARG C 13 21.26 5.99 -0.60
N ARG C 13 21.26 6.01 -0.61
CA ARG C 13 22.62 5.81 -0.11
CA ARG C 13 22.61 5.86 -0.07
C ARG C 13 22.64 5.11 1.23
C ARG C 13 22.61 5.06 1.21
N ASP C 14 21.58 5.22 2.01
CA ASP C 14 21.49 4.55 3.31
C ASP C 14 21.19 3.07 3.18
N GLY C 15 21.27 2.50 1.98
CA GLY C 15 21.08 1.08 1.80
C GLY C 15 19.65 0.62 1.83
N GLY C 16 18.69 1.53 1.68
CA GLY C 16 17.29 1.17 1.71
C GLY C 16 16.85 0.52 0.41
N PRO C 17 15.55 0.21 0.34
CA PRO C 17 15.01 -0.42 -0.86
C PRO C 17 15.08 0.53 -2.06
N ARG C 18 15.31 -0.06 -3.23
CA ARG C 18 15.35 0.73 -4.45
C ARG C 18 13.94 1.19 -4.83
N VAL C 19 13.89 2.28 -5.60
CA VAL C 19 12.64 2.86 -6.08
C VAL C 19 12.67 2.85 -7.60
N ALA C 20 11.74 2.11 -8.19
CA ALA C 20 11.66 1.99 -9.64
C ALA C 20 10.89 3.19 -10.21
N LEU C 21 11.44 3.79 -11.26
CA LEU C 21 10.81 4.92 -11.93
C LEU C 21 10.18 4.44 -13.23
N ALA C 22 8.93 4.82 -13.44
CA ALA C 22 8.26 4.49 -14.69
C ALA C 22 8.36 5.65 -15.67
N PRO C 23 8.29 5.38 -16.98
CA PRO C 23 8.24 6.48 -17.95
C PRO C 23 7.13 7.47 -17.59
N GLY C 24 7.43 8.75 -17.75
CA GLY C 24 6.52 9.82 -17.37
C GLY C 24 7.10 10.67 -16.26
N GLU C 25 6.23 11.47 -15.64
CA GLU C 25 6.64 12.35 -14.55
C GLU C 25 6.26 11.74 -13.21
N THR C 26 7.19 11.82 -12.24
CA THR C 26 6.96 11.32 -10.89
C THR C 26 7.35 12.42 -9.91
N VAL C 27 6.39 12.87 -9.12
CA VAL C 27 6.65 13.90 -8.11
C VAL C 27 7.30 13.21 -6.90
N ILE C 28 8.40 13.78 -6.43
CA ILE C 28 9.11 13.24 -5.28
C ILE C 28 9.15 14.28 -4.17
N GLY C 29 9.44 13.79 -2.96
CA GLY C 29 9.47 14.65 -1.79
C GLY C 29 8.94 13.94 -0.57
N ARG C 30 8.43 14.68 0.41
CA ARG C 30 7.84 14.07 1.59
C ARG C 30 6.61 13.26 1.20
N GLY C 31 6.71 11.93 1.26
CA GLY C 31 5.63 11.08 0.84
C GLY C 31 5.99 9.61 0.91
N PRO C 32 5.00 8.74 0.68
CA PRO C 32 5.26 7.29 0.81
C PRO C 32 6.16 6.74 -0.28
N LEU C 33 6.19 7.36 -1.46
CA LEU C 33 7.01 6.84 -2.54
C LEU C 33 8.46 6.65 -2.10
N LEU C 34 9.04 7.68 -1.51
CA LEU C 34 10.40 7.60 -0.98
C LEU C 34 10.44 7.34 0.52
N GLY C 35 9.30 7.41 1.21
CA GLY C 35 9.28 7.20 2.64
C GLY C 35 9.92 8.31 3.44
N ILE C 36 9.92 9.53 2.91
CA ILE C 36 10.55 10.67 3.58
C ILE C 36 9.51 11.35 4.46
N THR C 37 9.81 11.44 5.76
CA THR C 37 8.89 12.01 6.73
C THR C 37 9.31 13.39 7.23
N ASP C 38 10.53 13.83 6.92
CA ASP C 38 11.04 15.10 7.45
C ASP C 38 10.19 16.25 6.94
N LYS C 39 9.61 17.01 7.87
CA LYS C 39 8.77 18.15 7.51
C LYS C 39 9.55 19.23 6.78
N ARG C 40 10.89 19.18 6.79
CA ARG C 40 11.67 20.12 6.01
C ARG C 40 11.60 19.83 4.52
N VAL C 41 11.16 18.63 4.14
CA VAL C 41 11.04 18.22 2.75
C VAL C 41 9.62 18.46 2.29
N SER C 42 9.47 19.18 1.18
CA SER C 42 8.16 19.46 0.63
C SER C 42 7.50 18.19 0.11
N ARG C 43 6.17 18.15 0.19
CA ARG C 43 5.42 17.09 -0.47
C ARG C 43 5.59 17.16 -1.99
N ARG C 44 5.98 18.32 -2.51
CA ARG C 44 6.29 18.51 -3.92
C ARG C 44 7.66 19.16 -3.99
N HIS C 45 8.70 18.37 -3.74
CA HIS C 45 10.07 18.88 -3.68
C HIS C 45 10.73 18.95 -5.04
N ALA C 46 10.43 17.99 -5.92
CA ALA C 46 11.02 17.96 -7.25
C ALA C 46 10.20 17.02 -8.12
N ILE C 47 10.42 17.12 -9.43
CA ILE C 47 9.80 16.26 -10.42
C ILE C 47 10.90 15.49 -11.13
N LEU C 48 10.75 14.18 -11.21
CA LEU C 48 11.58 13.34 -12.07
C LEU C 48 10.79 12.95 -13.31
N GLU C 49 11.43 13.02 -14.47
CA GLU C 49 10.83 12.57 -15.71
C GLU C 49 11.75 11.58 -16.41
N VAL C 50 11.19 10.43 -16.78
CA VAL C 50 11.86 9.48 -17.64
C VAL C 50 11.20 9.57 -19.01
N ALA C 51 12.01 9.73 -20.06
CA ALA C 51 11.49 9.85 -21.41
C ALA C 51 12.60 9.50 -22.40
N GLY C 52 12.29 8.64 -23.36
CA GLY C 52 13.24 8.33 -24.41
C GLY C 52 14.60 7.90 -23.91
N GLY C 53 14.64 7.13 -22.84
CA GLY C 53 15.89 6.65 -22.29
C GLY C 53 16.70 7.68 -21.53
N GLN C 54 16.10 8.82 -21.18
CA GLN C 54 16.78 9.87 -20.43
C GLN C 54 15.98 10.21 -19.18
N LEU C 55 16.71 10.65 -18.16
CA LEU C 55 16.14 11.04 -16.88
C LEU C 55 16.54 12.48 -16.57
N ARG C 56 15.56 13.30 -16.19
CA ARG C 56 15.83 14.67 -15.79
C ARG C 56 15.04 15.00 -14.53
N ILE C 57 15.60 15.92 -13.73
CA ILE C 57 15.00 16.36 -12.47
C ILE C 57 14.78 17.85 -12.54
N LYS C 58 13.69 18.31 -11.94
CA LYS C 58 13.40 19.75 -11.82
C LYS C 58 13.11 20.08 -10.36
N PRO C 59 13.98 20.83 -9.68
CA PRO C 59 13.62 21.34 -8.35
C PRO C 59 12.49 22.36 -8.45
N ILE C 60 11.44 22.15 -7.67
CA ILE C 60 10.27 23.02 -7.72
C ILE C 60 9.96 23.68 -6.38
N HIS C 61 10.79 23.47 -5.37
CA HIS C 61 10.61 24.09 -4.07
C HIS C 61 11.79 25.00 -3.77
N THR C 62 11.56 25.97 -2.87
CA THR C 62 12.62 26.89 -2.50
C THR C 62 13.73 26.18 -1.72
N ASN C 63 13.42 25.10 -1.04
CA ASN C 63 14.45 24.24 -0.49
C ASN C 63 15.09 23.48 -1.64
N PRO C 64 16.40 23.61 -1.87
CA PRO C 64 16.98 23.14 -3.13
C PRO C 64 17.08 21.62 -3.17
N CYS C 65 17.33 21.13 -4.38
CA CYS C 65 17.86 19.80 -4.60
C CYS C 65 19.36 19.92 -4.84
N PHE C 66 20.07 18.83 -4.58
CA PHE C 66 21.52 18.80 -4.73
C PHE C 66 21.91 17.72 -5.71
N TYR C 67 23.04 17.93 -6.37
CA TYR C 67 23.48 17.09 -7.48
C TYR C 67 24.96 16.75 -7.30
N GLN C 68 25.29 15.47 -7.51
CA GLN C 68 26.67 15.01 -7.46
C GLN C 68 26.93 14.23 -8.74
N SER C 69 27.66 14.85 -9.67
CA SER C 69 28.03 14.16 -10.90
C SER C 69 28.87 12.92 -10.57
N SER C 70 28.73 11.89 -11.42
CA SER C 70 29.49 10.67 -11.22
C SER C 70 31.00 10.92 -11.23
N GLU C 71 31.43 12.04 -11.82
CA GLU C 71 32.85 12.37 -11.94
C GLU C 71 33.34 13.31 -10.85
N LYS C 72 32.49 13.66 -9.88
CA LYS C 72 32.87 14.51 -8.77
C LYS C 72 32.44 13.85 -7.46
N SER C 73 32.88 14.45 -6.34
CA SER C 73 32.65 13.88 -5.02
C SER C 73 31.65 14.66 -4.18
N GLN C 74 31.29 15.88 -4.55
CA GLN C 74 30.51 16.77 -3.70
C GLN C 74 29.10 16.94 -4.24
N LEU C 75 28.17 17.20 -3.32
CA LEU C 75 26.76 17.41 -3.65
C LEU C 75 26.53 18.91 -3.80
N LEU C 76 26.34 19.37 -5.07
CA LEU C 76 26.13 20.78 -5.40
C LEU C 76 24.64 21.08 -5.54
N PRO C 77 24.21 22.30 -5.25
CA PRO C 77 22.79 22.64 -5.41
C PRO C 77 22.43 22.88 -6.87
N LEU C 78 21.17 22.56 -7.18
CA LEU C 78 20.63 22.75 -8.52
C LEU C 78 19.84 24.05 -8.59
N LYS C 79 19.75 24.60 -9.81
CA LYS C 79 18.97 25.80 -10.03
C LYS C 79 17.48 25.50 -9.85
N PRO C 80 16.74 26.36 -9.16
CA PRO C 80 15.30 26.10 -8.98
C PRO C 80 14.52 26.19 -10.27
N ASN C 81 13.53 25.31 -10.40
CA ASN C 81 12.55 25.33 -11.49
C ASN C 81 13.18 25.19 -12.87
N LEU C 82 14.35 24.58 -12.97
CA LEU C 82 14.97 24.25 -14.26
C LEU C 82 15.23 22.75 -14.34
N TRP C 83 15.00 22.19 -15.52
CA TRP C 83 15.29 20.79 -15.76
C TRP C 83 16.80 20.56 -15.83
N CYS C 84 17.25 19.45 -15.27
CA CYS C 84 18.65 19.02 -15.35
C CYS C 84 18.68 17.53 -15.59
N TYR C 85 19.39 17.11 -16.64
CA TYR C 85 19.50 15.68 -16.95
C TYR C 85 20.45 14.99 -15.99
N LEU C 86 20.08 13.79 -15.59
CA LEU C 86 20.88 12.96 -14.68
C LEU C 86 21.36 11.73 -15.44
N ASN C 87 22.64 11.43 -15.33
CA ASN C 87 23.23 10.26 -15.95
C ASN C 87 23.37 9.14 -14.94
N PRO C 88 23.44 7.88 -15.39
CA PRO C 88 23.69 6.78 -14.46
C PRO C 88 25.01 6.99 -13.74
N GLY C 89 25.03 6.63 -12.45
CA GLY C 89 26.16 6.91 -11.59
C GLY C 89 26.06 8.23 -10.86
N ASP C 90 25.32 9.19 -11.42
CA ASP C 90 25.07 10.44 -10.71
C ASP C 90 24.15 10.18 -9.51
N SER C 91 24.22 11.08 -8.54
CA SER C 91 23.35 11.05 -7.38
C SER C 91 22.71 12.43 -7.20
N PHE C 92 21.56 12.43 -6.56
CA PHE C 92 20.91 13.68 -6.14
C PHE C 92 20.42 13.50 -4.71
N SER C 93 20.12 14.62 -4.07
CA SER C 93 19.63 14.59 -2.70
C SER C 93 18.60 15.69 -2.52
N LEU C 94 17.66 15.44 -1.60
CA LEU C 94 16.64 16.42 -1.26
C LEU C 94 17.03 17.25 -0.05
N LEU C 95 18.01 16.79 0.72
CA LEU C 95 18.69 17.61 1.73
C LEU C 95 20.18 17.46 1.50
N VAL C 96 20.96 18.40 2.06
CA VAL C 96 22.39 18.44 1.77
C VAL C 96 23.06 17.11 2.13
N ASP C 97 22.72 16.56 3.29
CA ASP C 97 23.40 15.37 3.80
C ASP C 97 22.45 14.21 4.07
N LYS C 98 21.21 14.28 3.60
CA LYS C 98 20.23 13.23 3.85
C LYS C 98 19.37 13.06 2.61
N TYR C 99 18.78 11.86 2.50
CA TYR C 99 17.86 11.55 1.41
C TYR C 99 18.58 11.64 0.06
N ILE C 100 19.67 10.90 -0.03
CA ILE C 100 20.54 10.88 -1.20
C ILE C 100 20.23 9.63 -2.01
N PHE C 101 20.20 9.77 -3.34
CA PHE C 101 19.84 8.67 -4.21
C PHE C 101 20.79 8.62 -5.39
N ARG C 102 21.31 7.43 -5.69
CA ARG C 102 22.16 7.22 -6.85
C ARG C 102 21.31 6.70 -8.01
N ILE C 103 21.60 7.21 -9.20
CA ILE C 103 20.84 6.83 -10.40
C ILE C 103 21.40 5.53 -10.96
N LEU C 104 20.52 4.57 -11.21
CA LEU C 104 20.89 3.30 -11.81
C LEU C 104 20.13 3.11 -13.11
N SER C 105 20.83 2.61 -14.12
CA SER C 105 20.21 2.26 -15.39
C SER C 105 19.93 0.77 -15.43
N ILE C 106 18.78 0.39 -15.97
CA ILE C 106 18.38 -1.01 -16.02
C ILE C 106 17.95 -1.37 -17.45
N PRO C 107 18.80 -2.05 -18.24
CA PRO C 107 18.40 -2.43 -19.60
C PRO C 107 17.31 -3.49 -19.61
N GLY D 6 -2.55 11.34 32.20
CA GLY D 6 -1.22 11.24 31.61
C GLY D 6 -1.25 10.59 30.23
N GLY D 7 -0.78 11.33 29.23
CA GLY D 7 -0.75 10.86 27.86
C GLY D 7 0.67 10.62 27.37
N PHE D 8 0.75 10.22 26.10
CA PHE D 8 2.02 9.86 25.49
C PHE D 8 2.04 10.29 24.03
N GLU D 9 3.24 10.60 23.54
CA GLU D 9 3.47 10.91 22.14
C GLU D 9 4.74 10.19 21.69
N LEU D 10 4.80 9.88 20.40
CA LEU D 10 5.99 9.32 19.79
C LEU D 10 6.78 10.42 19.09
N GLN D 11 8.09 10.40 19.29
CA GLN D 11 9.00 11.36 18.66
C GLN D 11 9.89 10.61 17.69
N PRO D 12 9.64 10.65 16.38
CA PRO D 12 10.54 9.99 15.43
C PRO D 12 11.93 10.61 15.50
N ARG D 13 12.95 9.75 15.42
CA ARG D 13 14.32 10.23 15.42
C ARG D 13 14.76 10.75 14.06
N ASP D 14 14.02 10.42 12.99
CA ASP D 14 14.39 10.82 11.63
C ASP D 14 13.93 12.23 11.27
N GLY D 15 13.22 12.92 12.18
CA GLY D 15 12.78 14.28 11.94
C GLY D 15 11.32 14.43 11.55
N GLY D 16 10.55 13.35 11.53
CA GLY D 16 9.15 13.44 11.23
C GLY D 16 8.37 14.04 12.39
N PRO D 17 7.10 14.36 12.16
CA PRO D 17 6.28 14.96 13.21
C PRO D 17 6.04 13.99 14.36
N ARG D 18 5.65 14.56 15.50
CA ARG D 18 5.29 13.74 16.64
C ARG D 18 3.93 13.09 16.41
N VAL D 19 3.78 11.87 16.92
CA VAL D 19 2.57 11.07 16.75
C VAL D 19 1.88 10.99 18.09
N ALA D 20 0.66 11.52 18.16
CA ALA D 20 -0.15 11.40 19.37
C ALA D 20 -0.79 10.03 19.43
N LEU D 21 -0.74 9.41 20.60
CA LEU D 21 -1.30 8.08 20.81
C LEU D 21 -2.63 8.20 21.55
N ALA D 22 -3.64 7.53 21.01
CA ALA D 22 -4.97 7.57 21.61
C ALA D 22 -5.07 6.56 22.74
N PRO D 23 -6.05 6.72 23.64
CA PRO D 23 -6.26 5.71 24.68
C PRO D 23 -6.62 4.37 24.05
N GLY D 24 -6.15 3.30 24.67
CA GLY D 24 -6.41 1.97 24.17
C GLY D 24 -5.28 1.42 23.32
N GLU D 25 -5.59 0.50 22.42
CA GLU D 25 -4.58 -0.17 21.61
C GLU D 25 -4.41 0.52 20.27
N THR D 26 -3.17 0.55 19.79
CA THR D 26 -2.86 1.06 18.46
C THR D 26 -1.89 0.09 17.80
N VAL D 27 -2.31 -0.52 16.70
CA VAL D 27 -1.41 -1.36 15.91
C VAL D 27 -0.44 -0.47 15.16
N ILE D 28 0.86 -0.75 15.30
CA ILE D 28 1.89 0.04 14.63
C ILE D 28 2.69 -0.88 13.71
N GLY D 29 3.29 -0.27 12.72
CA GLY D 29 4.06 -0.98 11.71
C GLY D 29 3.98 -0.24 10.39
N ARG D 30 4.02 -1.01 9.31
CA ARG D 30 3.93 -0.45 7.97
C ARG D 30 2.52 0.06 7.73
N GLY D 31 2.39 1.36 7.49
CA GLY D 31 1.10 1.97 7.27
C GLY D 31 1.12 3.48 7.38
N PRO D 32 -0.06 4.10 7.22
CA PRO D 32 -0.11 5.57 7.19
C PRO D 32 0.21 6.24 8.53
N LEU D 33 -0.13 5.60 9.66
CA LEU D 33 0.04 6.26 10.95
C LEU D 33 1.48 6.74 11.14
N LEU D 34 2.45 5.85 10.92
CA LEU D 34 3.85 6.19 11.02
C LEU D 34 4.50 6.48 9.68
N GLY D 35 3.81 6.21 8.58
CA GLY D 35 4.37 6.48 7.27
C GLY D 35 5.45 5.52 6.83
N ILE D 36 5.57 4.38 7.50
CA ILE D 36 6.60 3.40 7.17
C ILE D 36 6.18 2.62 5.94
N THR D 37 7.08 2.54 4.95
CA THR D 37 6.84 1.79 3.73
C THR D 37 7.77 0.59 3.56
N ASP D 38 8.81 0.47 4.38
CA ASP D 38 9.77 -0.62 4.25
C ASP D 38 9.08 -1.96 4.46
N LYS D 39 9.18 -2.82 3.44
CA LYS D 39 8.50 -4.11 3.49
C LYS D 39 9.08 -5.04 4.55
N ARG D 40 10.25 -4.72 5.12
CA ARG D 40 10.76 -5.47 6.24
C ARG D 40 9.97 -5.23 7.53
N VAL D 41 9.14 -4.19 7.55
CA VAL D 41 8.29 -3.89 8.69
C VAL D 41 6.91 -4.47 8.42
N SER D 42 6.39 -5.25 9.36
CA SER D 42 5.07 -5.84 9.22
C SER D 42 3.99 -4.77 9.34
N ARG D 43 2.90 -4.97 8.60
CA ARG D 43 1.71 -4.16 8.78
C ARG D 43 1.14 -4.34 10.19
N ARG D 44 1.49 -5.43 10.87
CA ARG D 44 1.14 -5.67 12.26
C ARG D 44 2.44 -5.98 13.02
N HIS D 45 3.27 -4.96 13.20
CA HIS D 45 4.59 -5.19 13.80
C HIS D 45 4.50 -5.26 15.32
N ALA D 46 3.74 -4.35 15.93
CA ALA D 46 3.63 -4.29 17.37
C ALA D 46 2.30 -3.67 17.75
N ILE D 47 1.93 -3.83 19.02
CA ILE D 47 0.77 -3.17 19.61
C ILE D 47 1.26 -2.25 20.71
N LEU D 48 0.83 -0.99 20.67
CA LEU D 48 1.00 -0.06 21.78
C LEU D 48 -0.33 0.08 22.49
N GLU D 49 -0.29 0.14 23.82
CA GLU D 49 -1.50 0.34 24.61
C GLU D 49 -1.27 1.47 25.60
N VAL D 50 -2.15 2.46 25.58
CA VAL D 50 -2.17 3.54 26.56
C VAL D 50 -3.32 3.26 27.53
N ALA D 51 -3.02 3.27 28.82
CA ALA D 51 -4.04 2.99 29.83
C ALA D 51 -3.56 3.37 31.22
N GLY D 52 -4.38 4.09 31.97
CA GLY D 52 -4.03 4.42 33.35
C GLY D 52 -2.70 5.11 33.46
N GLY D 53 -2.41 6.03 32.53
CA GLY D 53 -1.16 6.76 32.59
C GLY D 53 0.08 5.93 32.32
N GLN D 54 -0.06 4.79 31.64
CA GLN D 54 1.06 3.91 31.35
C GLN D 54 1.01 3.50 29.88
N LEU D 55 2.20 3.19 29.34
CA LEU D 55 2.34 2.75 27.95
C LEU D 55 3.12 1.45 27.93
N ARG D 56 2.56 0.44 27.25
CA ARG D 56 3.25 -0.83 27.06
C ARG D 56 3.21 -1.22 25.60
N ILE D 57 4.20 -2.02 25.19
CA ILE D 57 4.34 -2.47 23.82
C ILE D 57 4.43 -3.99 23.81
N LYS D 58 3.83 -4.61 22.80
CA LYS D 58 3.96 -6.05 22.59
C LYS D 58 4.38 -6.29 21.15
N PRO D 59 5.56 -6.85 20.90
CA PRO D 59 5.89 -7.31 19.54
C PRO D 59 5.05 -8.51 19.17
N ILE D 60 4.44 -8.47 17.98
CA ILE D 60 3.50 -9.50 17.56
C ILE D 60 3.88 -10.09 16.22
N HIS D 61 5.15 -9.95 15.83
CA HIS D 61 5.62 -10.43 14.54
C HIS D 61 7.02 -10.99 14.69
N THR D 62 7.30 -12.08 13.97
CA THR D 62 8.61 -12.72 14.01
C THR D 62 9.73 -11.70 13.92
N ASN D 63 9.59 -10.73 13.03
CA ASN D 63 10.55 -9.64 12.96
C ASN D 63 10.57 -8.89 14.29
N PRO D 64 11.72 -8.61 14.87
CA PRO D 64 11.77 -8.17 16.26
C PRO D 64 11.51 -6.68 16.42
N CYS D 65 11.16 -6.33 17.66
CA CYS D 65 11.20 -4.96 18.14
C CYS D 65 12.40 -4.78 19.06
N PHE D 66 12.86 -3.54 19.18
CA PHE D 66 14.03 -3.23 19.98
C PHE D 66 13.68 -2.14 20.97
N TYR D 67 14.49 -2.03 22.02
CA TYR D 67 14.22 -1.16 23.15
C TYR D 67 15.52 -0.53 23.64
N GLN D 68 15.40 0.72 24.10
CA GLN D 68 16.55 1.48 24.57
C GLN D 68 16.11 2.30 25.77
N SER D 69 16.65 2.00 26.95
CA SER D 69 16.38 2.81 28.13
C SER D 69 16.80 4.25 27.88
N SER D 70 16.16 5.17 28.59
CA SER D 70 16.38 6.60 28.33
C SER D 70 17.85 6.96 28.49
N GLU D 71 18.48 6.50 29.56
CA GLU D 71 19.86 6.88 29.87
C GLU D 71 20.89 5.92 29.28
N LYS D 72 20.47 4.99 28.42
CA LYS D 72 21.37 4.01 27.83
C LYS D 72 21.71 4.42 26.40
N SER D 73 22.36 3.51 25.66
CA SER D 73 22.96 3.84 24.37
C SER D 73 22.37 3.06 23.21
N GLN D 74 22.24 1.74 23.34
CA GLN D 74 21.94 0.87 22.21
C GLN D 74 20.51 0.33 22.29
N LEU D 75 19.91 0.12 21.12
CA LEU D 75 18.58 -0.49 21.01
C LEU D 75 18.74 -2.00 21.06
N LEU D 76 18.22 -2.62 22.12
CA LEU D 76 18.31 -4.05 22.32
C LEU D 76 16.97 -4.72 22.05
N PRO D 77 16.96 -6.02 21.74
CA PRO D 77 15.73 -6.66 21.28
C PRO D 77 14.77 -7.02 22.40
N LEU D 78 13.49 -6.93 22.09
CA LEU D 78 12.41 -7.29 23.02
C LEU D 78 11.91 -8.70 22.74
N LYS D 79 11.30 -9.30 23.76
CA LYS D 79 10.82 -10.67 23.64
C LYS D 79 9.50 -10.70 22.86
N PRO D 80 9.31 -11.65 21.95
CA PRO D 80 8.08 -11.66 21.14
C PRO D 80 6.84 -11.95 21.97
N ASN D 81 5.74 -11.28 21.61
CA ASN D 81 4.39 -11.60 22.11
C ASN D 81 4.24 -11.35 23.61
N LEU D 82 5.13 -10.57 24.21
CA LEU D 82 5.04 -10.22 25.62
C LEU D 82 4.95 -8.70 25.76
N TRP D 83 4.15 -8.26 26.73
CA TRP D 83 4.02 -6.84 27.02
C TRP D 83 5.24 -6.33 27.78
N CYS D 84 5.67 -5.12 27.43
CA CYS D 84 6.77 -4.45 28.11
C CYS D 84 6.38 -3.00 28.32
N TYR D 85 6.45 -2.51 29.55
CA TYR D 85 6.12 -1.13 29.84
C TYR D 85 7.27 -0.22 29.42
N LEU D 86 6.92 0.90 28.78
CA LEU D 86 7.88 1.89 28.33
C LEU D 86 7.73 3.15 29.18
N ASN D 87 8.85 3.69 29.62
CA ASN D 87 8.85 4.93 30.38
C ASN D 87 9.16 6.11 29.47
N PRO D 88 8.65 7.30 29.79
CA PRO D 88 9.07 8.48 29.03
C PRO D 88 10.59 8.59 28.99
N GLY D 89 11.11 8.96 27.82
CA GLY D 89 12.53 8.98 27.57
C GLY D 89 13.04 7.71 26.91
N ASP D 90 12.39 6.58 27.15
CA ASP D 90 12.76 5.35 26.48
C ASP D 90 12.50 5.48 24.98
N SER D 91 13.18 4.62 24.21
CA SER D 91 12.97 4.53 22.78
C SER D 91 12.72 3.08 22.40
N PHE D 92 11.94 2.89 21.33
CA PHE D 92 11.76 1.59 20.71
C PHE D 92 11.92 1.76 19.21
N SER D 93 12.15 0.65 18.52
CA SER D 93 12.34 0.68 17.09
C SER D 93 11.81 -0.60 16.47
N LEU D 94 11.38 -0.51 15.22
CA LEU D 94 10.85 -1.63 14.48
C LEU D 94 11.88 -2.30 13.58
N LEU D 95 13.00 -1.64 13.33
CA LEU D 95 14.19 -2.26 12.77
C LEU D 95 15.38 -1.89 13.65
N VAL D 96 16.47 -2.64 13.49
CA VAL D 96 17.59 -2.55 14.43
C VAL D 96 18.16 -1.14 14.46
N ASP D 97 18.21 -0.47 13.30
CA ASP D 97 18.74 0.89 13.23
C ASP D 97 17.89 1.76 12.30
N LYS D 98 16.59 1.53 12.30
CA LYS D 98 15.67 2.32 11.49
C LYS D 98 14.31 2.33 12.16
N TYR D 99 13.56 3.41 11.91
CA TYR D 99 12.20 3.57 12.46
C TYR D 99 12.24 3.48 13.99
N ILE D 100 12.88 4.51 14.56
CA ILE D 100 13.10 4.62 15.99
C ILE D 100 12.20 5.73 16.52
N PHE D 101 11.57 5.48 17.67
CA PHE D 101 10.62 6.42 18.26
C PHE D 101 10.89 6.55 19.74
N ARG D 102 10.99 7.78 20.22
CA ARG D 102 11.19 8.05 21.64
C ARG D 102 9.86 8.37 22.29
N ILE D 103 9.66 7.86 23.49
CA ILE D 103 8.40 8.04 24.21
C ILE D 103 8.43 9.37 24.95
N LEU D 104 7.49 10.24 24.64
CA LEU D 104 7.34 11.48 25.36
C LEU D 104 6.11 11.44 26.23
N SER D 105 6.21 12.13 27.37
CA SER D 105 5.09 12.33 28.26
C SER D 105 4.40 13.66 27.94
N ILE D 106 3.06 13.65 27.88
CA ILE D 106 2.26 14.88 27.96
C ILE D 106 1.23 14.84 29.11
N PRO D 107 0.53 15.97 29.45
CA PRO D 107 -0.58 15.96 30.41
C PRO D 107 -1.71 15.03 30.01
N PRO E 1 7.33 9.10 -29.61
CA PRO E 1 5.97 9.62 -29.76
C PRO E 1 5.14 9.48 -28.48
N TYR E 2 5.77 8.98 -27.42
CA TYR E 2 5.09 8.79 -26.13
C TYR E 2 5.58 9.76 -25.07
N ALA E 3 6.36 10.77 -25.45
CA ALA E 3 6.85 11.77 -24.52
C ALA E 3 5.94 12.99 -24.53
N GLY E 4 6.32 14.00 -23.75
CA GLY E 4 5.53 15.22 -23.65
C GLY E 4 4.56 15.16 -22.48
N SEP E 5 4.24 16.32 -21.93
CA SEP E 5 3.38 16.40 -20.76
CB SEP E 5 3.46 17.79 -20.13
OG SEP E 5 3.11 18.75 -21.11
C SEP E 5 1.93 16.05 -21.11
O SEP E 5 1.49 16.21 -22.24
P SEP E 5 3.55 20.28 -20.92
O1P SEP E 5 5.06 20.34 -20.60
O2P SEP E 5 2.77 20.90 -19.75
O3P SEP E 5 3.26 21.06 -22.21
N TPO E 6 1.20 15.58 -20.10
CA TPO E 6 -0.20 15.21 -20.25
CB TPO E 6 -0.59 14.25 -19.12
CG2 TPO E 6 -2.06 13.81 -19.23
OG1 TPO E 6 0.25 13.10 -19.17
P TPO E 6 1.37 12.89 -18.04
O1P TPO E 6 2.29 14.12 -18.00
O2P TPO E 6 2.19 11.63 -18.39
O3P TPO E 6 0.69 12.72 -16.67
C TPO E 6 -1.08 16.45 -20.21
O TPO E 6 -0.79 17.40 -19.47
N ASP E 7 -2.15 16.44 -20.99
CA ASP E 7 -3.10 17.55 -20.99
C ASP E 7 -3.68 17.77 -19.59
N PRO F 1 -12.81 -26.17 22.43
CA PRO F 1 -13.97 -25.68 21.70
C PRO F 1 -13.64 -25.24 20.27
N TYR F 2 -12.36 -24.94 20.03
CA TYR F 2 -11.91 -24.51 18.71
C TYR F 2 -10.95 -25.51 18.07
N ALA F 3 -10.73 -26.67 18.68
CA ALA F 3 -9.84 -27.68 18.15
C ALA F 3 -10.63 -28.78 17.43
N GLY F 4 -9.89 -29.68 16.80
CA GLY F 4 -10.49 -30.79 16.08
C GLY F 4 -10.68 -30.50 14.61
N SEP F 5 -10.62 -31.55 13.80
CA SEP F 5 -10.74 -31.42 12.35
CB SEP F 5 -10.45 -32.77 11.68
OG SEP F 5 -9.11 -33.15 11.97
C SEP F 5 -12.12 -30.94 11.93
O SEP F 5 -13.12 -31.17 12.62
P SEP F 5 -8.58 -34.60 11.52
O1P SEP F 5 -7.07 -34.72 11.80
O2P SEP F 5 -8.85 -34.79 10.01
O3P SEP F 5 -9.34 -35.68 12.31
N TPO F 6 -12.16 -30.27 10.79
CA TPO F 6 -13.40 -29.73 10.22
CB TPO F 6 -13.06 -28.63 9.21
CG2 TPO F 6 -14.30 -27.90 8.72
OG1 TPO F 6 -12.19 -27.69 9.85
P TPO F 6 -10.62 -27.65 9.51
O1P TPO F 6 -9.94 -26.60 10.39
O2P TPO F 6 -9.99 -29.03 9.79
O3P TPO F 6 -10.44 -27.29 8.02
C TPO F 6 -14.20 -30.85 9.55
O TPO F 6 -13.65 -31.88 9.18
N ASP F 7 -15.50 -30.62 9.41
CA ASP F 7 -16.37 -31.55 8.71
C ASP F 7 -16.60 -31.08 7.27
N GLU F 8 -16.71 -32.03 6.35
CA GLU F 8 -16.93 -31.72 4.95
C GLU F 8 -17.66 -32.86 4.24
N PRO G 1 2.18 11.40 8.48
CA PRO G 1 3.23 12.43 8.47
C PRO G 1 3.40 13.08 7.09
N TYR G 2 2.70 12.55 6.10
CA TYR G 2 2.79 13.05 4.74
C TYR G 2 1.76 14.13 4.45
N ALA G 3 1.03 14.58 5.46
CA ALA G 3 0.22 15.79 5.39
C ALA G 3 0.83 16.84 6.32
N GLY G 4 0.23 18.03 6.31
CA GLY G 4 0.78 19.15 7.04
C GLY G 4 1.76 19.92 6.18
N SEP G 5 1.97 21.19 6.53
CA SEP G 5 2.79 22.07 5.71
CB SEP G 5 2.38 23.52 5.92
OG SEP G 5 1.99 23.70 7.26
C SEP G 5 4.29 21.91 5.97
O SEP G 5 4.70 21.36 6.99
P SEP G 5 1.13 25.00 7.68
O1P SEP G 5 1.97 25.90 8.61
O2P SEP G 5 -0.16 24.56 8.42
O3P SEP G 5 0.74 25.79 6.41
N TPO G 6 5.07 22.39 5.02
CA TPO G 6 6.53 22.25 5.05
CB TPO G 6 7.06 22.31 3.61
CG2 TPO G 6 8.58 22.08 3.55
OG1 TPO G 6 6.40 21.29 2.86
P TPO G 6 5.29 21.68 1.75
O1P TPO G 6 5.97 22.44 0.61
O2P TPO G 6 4.21 22.57 2.40
O3P TPO G 6 4.64 20.40 1.21
C TPO G 6 7.15 23.35 5.90
O TPO G 6 6.58 24.43 6.04
N ASP G 7 8.33 23.07 6.45
CA ASP G 7 9.05 24.04 7.27
C ASP G 7 10.12 24.74 6.46
CA PRO H 1 2.12 2.20 -0.95
C PRO H 1 2.43 1.44 0.33
N TYR H 2 1.42 1.20 1.15
CA TYR H 2 1.59 0.48 2.41
C TYR H 2 1.16 -0.97 2.29
N ALA H 3 0.83 -1.41 1.09
CA ALA H 3 0.31 -2.74 0.87
C ALA H 3 1.43 -3.70 0.49
N GLY H 4 1.12 -4.99 0.53
CA GLY H 4 2.05 -6.03 0.14
C GLY H 4 2.50 -6.92 1.28
N SEP H 5 3.07 -8.06 0.92
N SEP H 5 3.07 -8.06 0.92
CA SEP H 5 3.54 -9.02 1.92
CA SEP H 5 3.56 -9.03 1.91
CB SEP H 5 3.79 -10.37 1.25
CB SEP H 5 3.84 -10.37 1.24
OG SEP H 5 2.54 -10.94 0.89
OG SEP H 5 2.90 -11.32 1.71
C SEP H 5 4.81 -8.54 2.60
C SEP H 5 4.81 -8.53 2.60
O SEP H 5 5.63 -7.85 1.98
O SEP H 5 5.62 -7.82 2.01
P SEP H 5 2.38 -11.85 -0.43
P SEP H 5 2.54 -12.60 0.80
O1P SEP H 5 3.70 -11.86 -1.22
O1P SEP H 5 2.03 -12.12 -0.56
O2P SEP H 5 2.01 -13.30 -0.03
O2P SEP H 5 3.79 -13.48 0.62
O3P SEP H 5 1.26 -11.27 -1.31
O3P SEP H 5 1.43 -13.43 1.50
N TPO H 6 4.97 -8.90 3.87
CA TPO H 6 6.16 -8.54 4.63
CB TPO H 6 5.90 -8.71 6.13
CG2 TPO H 6 7.14 -8.36 6.95
OG1 TPO H 6 4.82 -7.86 6.51
P TPO H 6 3.42 -8.51 6.94
O1P TPO H 6 3.59 -9.28 8.26
O2P TPO H 6 2.96 -9.48 5.83
O3P TPO H 6 2.37 -7.40 7.12
C TPO H 6 7.34 -9.38 4.19
O TPO H 6 7.20 -10.59 4.00
N ASP H 7 8.49 -8.75 4.04
CA ASP H 7 9.70 -9.43 3.60
C ASP H 7 10.32 -10.26 4.72
N GLU H 8 11.03 -11.31 4.36
CA GLU H 8 11.67 -12.18 5.34
C GLU H 8 12.64 -11.40 6.21
#